data_4JD1
#
_entry.id   4JD1
#
_cell.length_a   48.157
_cell.length_b   48.157
_cell.length_c   147.588
_cell.angle_alpha   90.00
_cell.angle_beta   90.00
_cell.angle_gamma   90.00
#
_symmetry.space_group_name_H-M   'P 43'
#
loop_
_entity.id
_entity.type
_entity.pdbx_description
1 polymer 'Metallothiol transferase FosB 2'
2 non-polymer 'ZINC ION'
3 non-polymer FOSFOMYCIN
4 non-polymer 'TRIETHYLENE GLYCOL'
5 water water
#
_entity_poly.entity_id   1
_entity_poly.type   'polypeptide(L)'
_entity_poly.pdbx_seq_one_letter_code
;MMLQGINHICFSVSNLEKSIEFYQKILQAKLLVKGRKLAYFDLNGLWIALNVEEDIPRNEIKQSYTHMAFTVTNEALDHL
KEVLIQNDVNILPGRERDERDQRSLYFTDPDGHKFEFHTGTLQNRLEYYKEDKKHMTFYIAGENLYFQ
;
_entity_poly.pdbx_strand_id   A,B
#
loop_
_chem_comp.id
_chem_comp.type
_chem_comp.name
_chem_comp.formula
FCN non-polymer FOSFOMYCIN 'C3 H7 O4 P'
PGE non-polymer 'TRIETHYLENE GLYCOL' 'C6 H14 O4'
ZN non-polymer 'ZINC ION' 'Zn 2'
#
# COMPACT_ATOMS: atom_id res chain seq x y z
N MET A 2 -9.09 16.63 5.04
CA MET A 2 -8.72 15.69 3.99
C MET A 2 -7.42 14.97 4.40
N LEU A 3 -6.92 14.13 3.47
CA LEU A 3 -5.66 13.38 3.63
C LEU A 3 -4.57 14.09 2.82
N GLN A 4 -3.33 13.98 3.30
CA GLN A 4 -2.20 14.67 2.68
C GLN A 4 -1.30 13.74 1.88
N GLY A 5 -1.50 12.44 2.02
CA GLY A 5 -0.82 11.48 1.17
C GLY A 5 -0.44 10.27 1.97
N ILE A 6 0.29 9.35 1.36
N ILE A 6 0.30 9.35 1.35
CA ILE A 6 0.66 8.13 2.05
CA ILE A 6 0.70 8.11 2.03
C ILE A 6 1.80 8.41 3.02
C ILE A 6 1.79 8.42 3.03
N ASN A 7 1.68 7.85 4.23
CA ASN A 7 2.64 8.07 5.28
C ASN A 7 3.60 6.90 5.38
N HIS A 8 3.06 5.70 5.56
CA HIS A 8 3.87 4.48 5.62
C HIS A 8 3.02 3.23 5.38
N ILE A 9 3.68 2.14 5.03
CA ILE A 9 3.01 0.86 4.97
C ILE A 9 3.77 -0.12 5.83
N CYS A 10 3.03 -0.89 6.60
CA CYS A 10 3.62 -1.75 7.60
C CYS A 10 3.24 -3.17 7.33
N PHE A 11 4.21 -4.07 7.40
CA PHE A 11 3.96 -5.49 7.19
C PHE A 11 4.27 -6.29 8.44
N SER A 12 3.33 -7.15 8.82
CA SER A 12 3.49 -8.08 9.92
C SER A 12 4.24 -9.31 9.43
N VAL A 13 5.39 -9.57 10.04
CA VAL A 13 6.27 -10.62 9.56
C VAL A 13 6.59 -11.61 10.68
N SER A 14 6.79 -12.87 10.31
CA SER A 14 7.02 -13.91 11.31
C SER A 14 8.49 -14.10 11.65
N ASN A 15 9.35 -13.62 10.76
CA ASN A 15 10.79 -13.91 10.84
C ASN A 15 11.58 -12.74 10.29
N LEU A 16 11.90 -11.79 11.17
CA LEU A 16 12.38 -10.48 10.78
C LEU A 16 13.59 -10.51 9.85
N GLU A 17 14.54 -11.43 10.11
CA GLU A 17 15.74 -11.50 9.29
C GLU A 17 15.50 -12.03 7.87
N LYS A 18 14.60 -13.00 7.72
CA LYS A 18 14.29 -13.53 6.39
C LYS A 18 13.52 -12.48 5.59
N SER A 19 12.65 -11.71 6.24
CA SER A 19 11.85 -10.69 5.54
C SER A 19 12.71 -9.47 5.16
N ILE A 20 13.61 -9.06 6.05
CA ILE A 20 14.56 -8.01 5.72
C ILE A 20 15.31 -8.35 4.43
N GLU A 21 15.75 -9.59 4.26
CA GLU A 21 16.46 -9.95 3.04
C GLU A 21 15.56 -9.91 1.79
N PHE A 22 14.32 -10.36 1.89
CA PHE A 22 13.35 -10.22 0.79
C PHE A 22 13.10 -8.74 0.42
N TYR A 23 12.90 -7.89 1.42
CA TYR A 23 12.51 -6.51 1.13
C TYR A 23 13.72 -5.77 0.53
N GLN A 24 14.92 -6.14 0.94
CA GLN A 24 16.11 -5.61 0.31
C GLN A 24 16.35 -6.22 -1.08
N LYS A 25 16.40 -7.54 -1.17
CA LYS A 25 16.70 -8.16 -2.45
C LYS A 25 15.64 -7.99 -3.53
N ILE A 26 14.40 -8.22 -3.15
CA ILE A 26 13.34 -8.30 -4.11
C ILE A 26 12.69 -6.97 -4.42
N LEU A 27 12.42 -6.20 -3.38
CA LEU A 27 11.80 -4.90 -3.57
C LEU A 27 12.81 -3.78 -3.62
N GLN A 28 14.08 -4.10 -3.44
CA GLN A 28 15.14 -3.10 -3.52
C GLN A 28 14.87 -1.90 -2.60
N ALA A 29 14.34 -2.19 -1.42
CA ALA A 29 14.19 -1.21 -0.37
C ALA A 29 15.49 -0.98 0.39
N LYS A 30 15.70 0.26 0.85
CA LYS A 30 16.91 0.63 1.54
C LYS A 30 16.66 0.60 3.03
N LEU A 31 17.47 -0.17 3.73
CA LEU A 31 17.32 -0.28 5.18
C LEU A 31 17.72 1.00 5.87
N LEU A 32 16.96 1.39 6.88
CA LEU A 32 17.28 2.60 7.63
C LEU A 32 17.66 2.24 9.06
N VAL A 33 16.87 1.36 9.65
CA VAL A 33 17.07 1.00 11.04
C VAL A 33 16.41 -0.37 11.32
N LYS A 34 17.08 -1.22 12.10
CA LYS A 34 16.48 -2.47 12.56
C LYS A 34 16.56 -2.60 14.08
N GLY A 35 15.52 -3.20 14.66
CA GLY A 35 15.45 -3.44 16.09
C GLY A 35 15.19 -4.91 16.32
N ARG A 36 14.73 -5.26 17.50
CA ARG A 36 14.45 -6.65 17.79
C ARG A 36 13.18 -7.16 17.08
N LYS A 37 12.13 -6.33 17.06
CA LYS A 37 10.87 -6.70 16.39
C LYS A 37 10.45 -5.78 15.24
N LEU A 38 11.35 -4.94 14.73
CA LEU A 38 11.00 -4.03 13.65
C LEU A 38 12.13 -3.77 12.66
N ALA A 39 11.75 -3.31 11.47
CA ALA A 39 12.64 -2.80 10.45
C ALA A 39 11.92 -1.67 9.69
N TYR A 40 12.64 -0.58 9.44
CA TYR A 40 12.15 0.49 8.57
C TYR A 40 13.05 0.53 7.35
N PHE A 41 12.44 0.81 6.20
CA PHE A 41 13.12 0.93 4.92
C PHE A 41 12.59 2.17 4.23
N ASP A 42 13.40 2.75 3.34
CA ASP A 42 13.00 3.75 2.36
C ASP A 42 12.89 3.07 0.99
N LEU A 43 11.69 2.99 0.43
CA LEU A 43 11.54 2.50 -0.94
C LEU A 43 11.11 3.64 -1.81
N ASN A 44 12.07 4.21 -2.55
CA ASN A 44 11.84 5.36 -3.42
C ASN A 44 10.89 6.39 -2.80
N GLY A 45 11.25 6.83 -1.59
CA GLY A 45 10.48 7.82 -0.88
C GLY A 45 9.46 7.26 0.09
N LEU A 46 9.03 6.01 -0.15
CA LEU A 46 8.01 5.38 0.69
C LEU A 46 8.61 4.75 1.93
N TRP A 47 8.05 5.08 3.08
CA TRP A 47 8.39 4.47 4.36
C TRP A 47 7.67 3.12 4.52
N ILE A 48 8.47 2.05 4.57
CA ILE A 48 7.93 0.70 4.74
C ILE A 48 8.44 0.19 6.07
N ALA A 49 7.54 -0.36 6.86
CA ALA A 49 7.91 -0.89 8.15
C ALA A 49 7.59 -2.36 8.19
N LEU A 50 8.45 -3.14 8.82
CA LEU A 50 8.12 -4.51 9.10
C LEU A 50 8.02 -4.63 10.60
N ASN A 51 6.99 -5.33 11.09
CA ASN A 51 6.78 -5.49 12.51
C ASN A 51 6.53 -6.97 12.76
N VAL A 52 7.09 -7.52 13.84
CA VAL A 52 7.02 -8.97 14.07
C VAL A 52 5.79 -9.43 14.84
N GLU A 53 5.15 -10.46 14.30
CA GLU A 53 4.12 -11.21 15.00
C GLU A 53 4.38 -12.67 14.73
N GLU A 54 4.96 -13.33 15.71
CA GLU A 54 5.67 -14.59 15.51
C GLU A 54 4.83 -15.86 15.41
N ASP A 55 3.71 -15.89 16.12
CA ASP A 55 2.96 -17.14 16.22
C ASP A 55 1.57 -17.06 15.57
N ILE A 56 1.34 -16.01 14.77
CA ILE A 56 0.02 -15.77 14.16
C ILE A 56 -0.22 -16.56 12.85
N PRO A 57 -1.48 -16.97 12.60
CA PRO A 57 -1.96 -17.66 11.38
C PRO A 57 -1.89 -16.83 10.11
N ARG A 58 -1.30 -17.39 9.05
CA ARG A 58 -1.11 -16.65 7.80
C ARG A 58 -1.49 -17.48 6.59
N ASN A 59 -2.65 -18.13 6.68
CA ASN A 59 -3.11 -19.00 5.62
C ASN A 59 -4.36 -18.54 4.83
N GLU A 60 -5.21 -17.70 5.42
CA GLU A 60 -6.29 -17.09 4.64
C GLU A 60 -5.85 -15.94 3.70
N ILE A 61 -4.69 -15.34 3.95
CA ILE A 61 -4.16 -14.27 3.11
C ILE A 61 -3.92 -14.74 1.67
N LYS A 62 -3.78 -16.04 1.50
CA LYS A 62 -3.57 -16.66 0.21
C LYS A 62 -4.79 -16.54 -0.71
N GLN A 63 -5.97 -16.40 -0.11
CA GLN A 63 -7.20 -16.35 -0.91
C GLN A 63 -7.55 -14.98 -1.49
N SER A 64 -7.13 -13.90 -0.83
CA SER A 64 -7.49 -12.55 -1.25
C SER A 64 -6.52 -11.98 -2.28
N TYR A 65 -7.08 -11.35 -3.31
CA TYR A 65 -6.32 -10.64 -4.34
C TYR A 65 -5.71 -9.31 -3.90
N THR A 66 -5.90 -8.95 -2.62
CA THR A 66 -5.35 -7.68 -2.10
C THR A 66 -3.85 -7.68 -2.34
N HIS A 67 -3.33 -6.61 -2.91
CA HIS A 67 -1.92 -6.56 -3.28
C HIS A 67 -1.49 -5.14 -3.54
N MET A 68 -0.18 -4.94 -3.58
CA MET A 68 0.39 -3.64 -3.87
C MET A 68 1.34 -3.77 -5.05
N ALA A 69 1.20 -2.89 -6.02
CA ALA A 69 2.04 -2.93 -7.22
C ALA A 69 3.02 -1.77 -7.30
N PHE A 70 4.21 -2.05 -7.82
CA PHE A 70 5.27 -1.08 -8.06
C PHE A 70 5.54 -0.94 -9.56
N THR A 71 5.95 0.27 -9.95
CA THR A 71 6.13 0.59 -11.37
C THR A 71 7.47 0.09 -11.87
N VAL A 72 7.48 -0.61 -13.00
CA VAL A 72 8.71 -1.10 -13.62
C VAL A 72 8.60 -1.03 -15.15
N THR A 73 9.73 -0.92 -15.84
CA THR A 73 9.70 -0.91 -17.31
C THR A 73 9.59 -2.34 -17.81
N ASN A 74 9.43 -2.52 -19.10
CA ASN A 74 9.32 -3.88 -19.62
C ASN A 74 10.58 -4.71 -19.48
N GLU A 75 11.74 -4.12 -19.76
CA GLU A 75 13.00 -4.83 -19.54
C GLU A 75 13.23 -5.13 -18.05
N ALA A 76 12.88 -4.17 -17.18
CA ALA A 76 12.97 -4.36 -15.73
C ALA A 76 12.12 -5.53 -15.27
N LEU A 77 10.94 -5.68 -15.84
CA LEU A 77 10.06 -6.79 -15.49
C LEU A 77 10.73 -8.11 -15.86
N ASP A 78 11.34 -8.16 -17.04
CA ASP A 78 12.02 -9.36 -17.48
C ASP A 78 13.18 -9.72 -16.56
N HIS A 79 13.98 -8.74 -16.16
N HIS A 79 13.95 -8.72 -16.15
CA HIS A 79 15.06 -9.02 -15.25
CA HIS A 79 15.09 -8.93 -15.26
C HIS A 79 14.51 -9.50 -13.92
C HIS A 79 14.67 -9.27 -13.84
N LEU A 80 13.49 -8.81 -13.42
CA LEU A 80 12.97 -9.10 -12.09
C LEU A 80 12.30 -10.47 -12.02
N LYS A 81 11.76 -10.97 -13.13
CA LYS A 81 11.24 -12.34 -13.13
C LYS A 81 12.38 -13.31 -12.87
N GLU A 82 13.51 -13.11 -13.52
N GLU A 82 13.50 -13.08 -13.55
CA GLU A 82 14.64 -13.99 -13.26
CA GLU A 82 14.72 -13.83 -13.36
C GLU A 82 15.14 -13.81 -11.84
C GLU A 82 15.12 -13.78 -11.89
N VAL A 83 15.11 -12.58 -11.32
CA VAL A 83 15.49 -12.35 -9.92
C VAL A 83 14.59 -13.10 -8.96
N LEU A 84 13.29 -13.11 -9.23
CA LEU A 84 12.34 -13.83 -8.38
C LEU A 84 12.48 -15.34 -8.54
N ILE A 85 13.01 -15.77 -9.67
CA ILE A 85 13.32 -17.19 -9.86
C ILE A 85 14.60 -17.59 -9.13
N GLN A 86 15.66 -16.81 -9.32
CA GLN A 86 16.92 -17.04 -8.62
C GLN A 86 16.79 -17.07 -7.11
N ASN A 87 15.85 -16.29 -6.58
CA ASN A 87 15.68 -16.14 -5.14
C ASN A 87 14.52 -16.93 -4.55
N ASP A 88 13.99 -17.87 -5.30
CA ASP A 88 13.02 -18.79 -4.79
C ASP A 88 11.80 -18.09 -4.22
N VAL A 89 11.39 -17.02 -4.89
CA VAL A 89 10.18 -16.31 -4.49
C VAL A 89 8.92 -17.01 -4.99
N ASN A 90 7.83 -16.88 -4.23
CA ASN A 90 6.57 -17.44 -4.62
C ASN A 90 5.91 -16.54 -5.68
N ILE A 91 5.94 -17.00 -6.93
CA ILE A 91 5.46 -16.25 -8.09
C ILE A 91 4.10 -16.72 -8.49
N LEU A 92 3.14 -15.82 -8.44
CA LEU A 92 1.79 -16.18 -8.70
C LEU A 92 1.53 -16.18 -10.18
N PRO A 93 0.70 -17.09 -10.63
CA PRO A 93 0.23 -17.07 -12.02
C PRO A 93 -0.80 -15.95 -12.10
N GLY A 94 -0.68 -15.13 -13.12
CA GLY A 94 -1.54 -13.98 -13.17
C GLY A 94 -2.93 -14.41 -13.54
N ARG A 95 -3.87 -13.48 -13.38
CA ARG A 95 -5.17 -13.57 -14.01
C ARG A 95 -4.88 -13.46 -15.49
N GLU A 96 -5.83 -13.88 -16.33
CA GLU A 96 -5.72 -13.63 -17.74
C GLU A 96 -5.66 -12.13 -17.95
N ARG A 97 -4.97 -11.70 -18.99
CA ARG A 97 -4.84 -10.27 -19.29
C ARG A 97 -5.07 -10.04 -20.77
N ASP A 98 -5.56 -8.85 -21.09
CA ASP A 98 -5.65 -8.36 -22.46
C ASP A 98 -4.33 -7.64 -22.69
N GLU A 99 -3.93 -7.49 -23.94
CA GLU A 99 -2.69 -6.77 -24.24
C GLU A 99 -2.74 -5.38 -23.62
N ARG A 100 -3.85 -4.68 -23.74
CA ARG A 100 -3.94 -3.32 -23.24
C ARG A 100 -3.85 -3.23 -21.70
N ASP A 101 -4.01 -4.35 -21.02
CA ASP A 101 -3.82 -4.44 -19.57
C ASP A 101 -2.38 -4.11 -19.20
N GLN A 102 -1.48 -4.41 -20.12
CA GLN A 102 -0.07 -4.18 -20.00
C GLN A 102 0.52 -5.28 -19.15
N ARG A 103 1.84 -5.33 -19.00
CA ARG A 103 2.46 -6.48 -18.37
C ARG A 103 2.62 -6.38 -16.85
N SER A 104 2.50 -7.52 -16.19
CA SER A 104 2.70 -7.63 -14.73
C SER A 104 3.34 -8.95 -14.28
N LEU A 105 3.99 -8.91 -13.14
CA LEU A 105 4.43 -10.10 -12.43
C LEU A 105 3.93 -10.02 -11.00
N TYR A 106 3.18 -11.04 -10.57
CA TYR A 106 2.62 -11.13 -9.20
C TYR A 106 3.39 -12.16 -8.36
N PHE A 107 3.64 -11.81 -7.11
CA PHE A 107 4.45 -12.65 -6.24
C PHE A 107 4.11 -12.31 -4.79
N THR A 108 4.58 -13.09 -3.83
CA THR A 108 4.30 -12.80 -2.44
C THR A 108 5.59 -12.75 -1.64
N ASP A 109 5.53 -12.10 -0.48
CA ASP A 109 6.64 -12.14 0.48
C ASP A 109 6.59 -13.47 1.32
N PRO A 110 7.54 -13.68 2.23
CA PRO A 110 7.49 -14.95 2.96
C PRO A 110 6.21 -15.19 3.74
N ASP A 111 5.41 -14.16 3.99
CA ASP A 111 4.22 -14.30 4.82
C ASP A 111 2.93 -14.13 4.04
N GLY A 112 3.02 -14.15 2.72
CA GLY A 112 1.82 -14.11 1.90
C GLY A 112 1.30 -12.78 1.40
N HIS A 113 1.98 -11.68 1.71
CA HIS A 113 1.56 -10.37 1.20
C HIS A 113 1.82 -10.35 -0.27
N LYS A 114 0.81 -10.01 -1.05
CA LYS A 114 0.93 -10.05 -2.50
C LYS A 114 1.42 -8.73 -3.09
N PHE A 115 2.35 -8.87 -4.03
CA PHE A 115 2.95 -7.75 -4.69
C PHE A 115 2.89 -8.00 -6.18
N GLU A 116 3.00 -6.92 -6.92
CA GLU A 116 2.94 -6.95 -8.37
C GLU A 116 3.98 -6.00 -8.88
N PHE A 117 4.65 -6.36 -9.98
CA PHE A 117 5.46 -5.42 -10.75
C PHE A 117 4.66 -5.16 -12.02
N HIS A 118 4.35 -3.89 -12.28
CA HIS A 118 3.43 -3.52 -13.34
C HIS A 118 4.07 -2.43 -14.21
N THR A 119 3.97 -2.59 -15.51
CA THR A 119 4.64 -1.70 -16.46
C THR A 119 3.83 -0.50 -16.95
N GLY A 120 2.53 -0.50 -16.70
CA GLY A 120 1.66 0.60 -17.07
C GLY A 120 1.34 1.68 -16.06
N THR A 121 0.38 2.53 -16.38
CA THR A 121 -0.08 3.58 -15.49
C THR A 121 -1.58 3.50 -15.34
N LEU A 122 -2.14 4.24 -14.39
CA LEU A 122 -3.59 4.36 -14.24
C LEU A 122 -4.23 4.91 -15.52
N GLN A 123 -3.70 6.02 -16.05
CA GLN A 123 -4.24 6.62 -17.28
C GLN A 123 -4.21 5.67 -18.48
N ASN A 124 -3.18 4.84 -18.58
CA ASN A 124 -3.18 3.75 -19.58
C ASN A 124 -4.38 2.85 -19.35
N ARG A 125 -4.62 2.50 -18.11
CA ARG A 125 -5.73 1.61 -17.80
C ARG A 125 -7.04 2.32 -18.16
N LEU A 126 -7.08 3.63 -17.97
CA LEU A 126 -8.26 4.44 -18.33
C LEU A 126 -8.41 4.63 -19.86
N GLU A 127 -7.35 5.04 -20.56
CA GLU A 127 -7.40 5.15 -22.02
C GLU A 127 -7.86 3.83 -22.66
N TYR A 128 -7.44 2.72 -22.06
CA TYR A 128 -7.87 1.39 -22.47
C TYR A 128 -9.38 1.32 -22.36
N TYR A 129 -9.92 1.54 -21.15
CA TYR A 129 -11.37 1.53 -20.96
C TYR A 129 -12.06 2.65 -21.74
N LYS A 130 -11.38 3.81 -21.86
CA LYS A 130 -11.90 4.91 -22.67
C LYS A 130 -12.05 4.47 -24.13
N GLU A 131 -11.04 3.78 -24.66
CA GLU A 131 -11.09 3.27 -26.03
C GLU A 131 -12.25 2.28 -26.30
N ASP A 132 -12.62 1.47 -25.32
CA ASP A 132 -13.66 0.46 -25.53
C ASP A 132 -15.06 1.02 -25.38
N LYS A 133 -15.20 2.05 -24.55
CA LYS A 133 -16.41 2.86 -24.55
C LYS A 133 -16.55 3.39 -25.98
N LYS A 134 -15.53 4.10 -26.42
CA LYS A 134 -15.38 4.63 -27.79
C LYS A 134 -15.73 3.62 -28.90
N HIS A 135 -15.34 2.37 -28.71
CA HIS A 135 -15.57 1.32 -29.71
C HIS A 135 -17.05 0.93 -29.71
N MET A 136 -17.75 1.29 -28.63
CA MET A 136 -19.20 1.05 -28.49
C MET A 136 -20.05 2.32 -28.64
N THR A 137 -19.58 3.27 -29.42
CA THR A 137 -20.29 4.52 -29.67
C THR A 137 -20.34 4.77 -31.16
N PHE A 138 -21.54 5.12 -31.67
CA PHE A 138 -21.73 5.27 -33.11
C PHE A 138 -22.38 6.60 -33.54
N TYR A 139 -23.21 7.17 -32.68
CA TYR A 139 -23.73 8.51 -32.91
C TYR A 139 -23.07 9.45 -31.92
N ILE A 140 -22.04 10.14 -32.38
CA ILE A 140 -21.39 11.14 -31.57
C ILE A 140 -22.34 12.33 -31.43
N ALA A 141 -23.11 12.38 -30.35
CA ALA A 141 -24.06 13.47 -30.14
C ALA A 141 -23.33 14.80 -30.15
N GLY A 142 -23.67 15.63 -31.13
CA GLY A 142 -22.93 16.86 -31.39
C GLY A 142 -22.40 16.94 -32.81
N GLU A 143 -22.24 15.78 -33.45
CA GLU A 143 -21.71 15.69 -34.80
C GLU A 143 -22.74 16.12 -35.83
N ASN A 144 -22.26 16.48 -37.01
N ASN A 144 -22.28 16.63 -36.96
CA ASN A 144 -23.15 16.96 -38.05
CA ASN A 144 -23.17 17.02 -38.04
C ASN A 144 -23.39 15.88 -39.08
C ASN A 144 -23.39 15.83 -38.97
N LEU A 145 -24.65 15.54 -39.26
CA LEU A 145 -25.01 14.45 -40.16
C LEU A 145 -25.42 14.98 -41.52
N TYR A 146 -25.07 14.22 -42.56
CA TYR A 146 -25.27 14.61 -43.96
C TYR A 146 -26.49 13.90 -44.55
N PHE A 147 -27.06 14.45 -45.63
N PHE A 147 -27.04 14.45 -45.64
CA PHE A 147 -28.32 13.97 -46.20
CA PHE A 147 -28.33 14.03 -46.19
C PHE A 147 -29.45 14.13 -45.16
C PHE A 147 -29.44 14.22 -45.17
N GLN A 148 -29.06 14.30 -43.90
CA GLN A 148 -29.97 14.55 -42.76
C GLN A 148 -30.99 13.47 -42.48
N MET B 1 15.50 -5.28 -12.66
CA MET B 1 16.13 -3.97 -12.70
C MET B 1 15.57 -3.07 -11.60
N MET B 2 15.20 -1.85 -11.97
CA MET B 2 14.64 -0.89 -11.02
C MET B 2 13.12 -0.82 -10.81
N LEU B 3 12.74 -0.33 -9.62
CA LEU B 3 11.38 0.01 -9.29
C LEU B 3 11.30 1.52 -9.29
N GLN B 4 10.11 2.07 -9.45
CA GLN B 4 10.00 3.53 -9.58
C GLN B 4 9.03 4.11 -8.53
N GLY B 5 8.34 3.25 -7.80
CA GLY B 5 7.41 3.72 -6.80
C GLY B 5 6.07 3.04 -6.90
N ILE B 6 5.19 3.35 -5.97
N ILE B 6 5.20 3.31 -5.93
CA ILE B 6 3.89 2.68 -5.85
CA ILE B 6 3.90 2.64 -5.88
C ILE B 6 2.95 2.96 -7.02
C ILE B 6 3.07 2.96 -7.10
N ASN B 7 2.69 1.92 -7.81
CA ASN B 7 1.85 2.02 -9.00
C ASN B 7 0.39 2.02 -8.60
N HIS B 8 0.00 1.08 -7.75
CA HIS B 8 -1.38 1.04 -7.23
C HIS B 8 -1.50 0.11 -6.07
N ILE B 9 -2.61 0.24 -5.36
N ILE B 9 -2.60 0.23 -5.34
CA ILE B 9 -2.98 -0.69 -4.30
CA ILE B 9 -2.90 -0.77 -4.34
C ILE B 9 -4.29 -1.32 -4.72
C ILE B 9 -4.27 -1.32 -4.65
N CYS B 10 -4.45 -2.62 -4.46
CA CYS B 10 -5.71 -3.26 -4.74
C CYS B 10 -6.21 -3.93 -3.49
N PHE B 11 -7.46 -3.67 -3.16
CA PHE B 11 -8.11 -4.29 -2.03
C PHE B 11 -9.20 -5.21 -2.51
N SER B 12 -9.07 -6.48 -2.17
CA SER B 12 -10.14 -7.42 -2.34
C SER B 12 -11.31 -7.10 -1.38
N VAL B 13 -12.50 -6.89 -1.95
CA VAL B 13 -13.65 -6.56 -1.14
C VAL B 13 -14.75 -7.59 -1.37
N SER B 14 -15.70 -7.67 -0.45
CA SER B 14 -16.79 -8.63 -0.59
C SER B 14 -18.01 -7.97 -1.21
N ASN B 15 -18.20 -6.71 -0.87
CA ASN B 15 -19.42 -5.98 -1.22
C ASN B 15 -18.97 -4.70 -1.89
N LEU B 16 -19.20 -4.57 -3.20
CA LEU B 16 -18.64 -3.44 -3.93
C LEU B 16 -19.32 -2.12 -3.57
N GLU B 17 -20.65 -2.15 -3.43
CA GLU B 17 -21.41 -0.95 -3.08
C GLU B 17 -21.05 -0.41 -1.69
N LYS B 18 -20.98 -1.29 -0.72
CA LYS B 18 -20.59 -0.91 0.63
C LYS B 18 -19.13 -0.38 0.71
N SER B 19 -18.21 -1.03 0.00
CA SER B 19 -16.81 -0.61 -0.02
C SER B 19 -16.55 0.73 -0.70
N ILE B 20 -17.20 0.99 -1.82
CA ILE B 20 -16.98 2.23 -2.52
C ILE B 20 -17.39 3.32 -1.57
N GLU B 21 -18.49 3.09 -0.86
CA GLU B 21 -19.00 4.11 0.05
C GLU B 21 -18.00 4.37 1.17
N PHE B 22 -17.40 3.30 1.69
CA PHE B 22 -16.31 3.46 2.66
C PHE B 22 -15.14 4.30 2.13
N TYR B 23 -14.59 3.92 0.98
CA TYR B 23 -13.41 4.59 0.46
C TYR B 23 -13.69 6.04 0.11
N GLN B 24 -14.92 6.31 -0.33
CA GLN B 24 -15.34 7.68 -0.57
C GLN B 24 -15.47 8.51 0.71
N LYS B 25 -16.20 7.99 1.69
CA LYS B 25 -16.54 8.76 2.90
C LYS B 25 -15.50 8.79 4.01
N ILE B 26 -14.70 7.74 4.12
CA ILE B 26 -13.71 7.63 5.20
C ILE B 26 -12.32 8.04 4.73
N LEU B 27 -11.89 7.49 3.60
CA LEU B 27 -10.58 7.82 3.04
C LEU B 27 -10.64 9.03 2.14
N GLN B 28 -11.83 9.42 1.71
CA GLN B 28 -12.02 10.55 0.79
C GLN B 28 -11.39 10.36 -0.60
N ALA B 29 -11.41 9.13 -1.09
CA ALA B 29 -10.89 8.79 -2.40
C ALA B 29 -11.91 9.18 -3.46
N LYS B 30 -11.46 9.66 -4.63
CA LYS B 30 -12.38 10.11 -5.69
C LYS B 30 -12.65 9.00 -6.68
N LEU B 31 -13.87 8.50 -6.68
CA LEU B 31 -14.22 7.40 -7.57
C LEU B 31 -14.09 7.85 -9.00
N LEU B 32 -13.32 7.12 -9.80
CA LEU B 32 -13.06 7.52 -11.16
C LEU B 32 -13.76 6.63 -12.18
N VAL B 33 -14.13 5.45 -11.74
CA VAL B 33 -14.67 4.48 -12.63
C VAL B 33 -15.28 3.35 -11.84
N LYS B 34 -16.31 2.72 -12.36
CA LYS B 34 -17.00 1.71 -11.59
C LYS B 34 -17.60 0.61 -12.48
N GLY B 35 -17.52 -0.64 -12.02
CA GLY B 35 -18.00 -1.76 -12.80
C GLY B 35 -18.63 -2.85 -11.95
N ARG B 36 -19.04 -3.95 -12.56
CA ARG B 36 -19.64 -5.05 -11.81
C ARG B 36 -18.74 -5.53 -10.64
N LYS B 37 -17.43 -5.69 -10.90
CA LYS B 37 -16.53 -6.25 -9.90
C LYS B 37 -15.33 -5.38 -9.55
N LEU B 38 -15.19 -4.22 -10.18
CA LEU B 38 -14.07 -3.31 -9.92
C LEU B 38 -14.52 -1.88 -9.67
N ALA B 39 -13.66 -1.10 -9.03
CA ALA B 39 -13.81 0.35 -8.95
C ALA B 39 -12.44 0.98 -8.77
N TYR B 40 -12.18 2.04 -9.53
CA TYR B 40 -10.90 2.75 -9.47
C TYR B 40 -11.07 4.12 -8.84
N PHE B 41 -10.13 4.48 -7.98
CA PHE B 41 -10.14 5.76 -7.30
C PHE B 41 -8.83 6.49 -7.51
N ASP B 42 -8.85 7.77 -7.18
CA ASP B 42 -7.65 8.57 -7.06
C ASP B 42 -7.72 9.15 -5.67
N LEU B 43 -6.67 8.91 -4.86
CA LEU B 43 -6.58 9.55 -3.56
C LEU B 43 -5.27 10.28 -3.45
N ASN B 44 -5.32 11.60 -3.58
CA ASN B 44 -4.13 12.45 -3.55
C ASN B 44 -3.08 11.98 -4.57
N GLY B 45 -3.50 11.38 -5.67
CA GLY B 45 -2.58 10.91 -6.68
C GLY B 45 -2.22 9.43 -6.64
N LEU B 46 -2.75 8.71 -5.65
CA LEU B 46 -2.59 7.26 -5.60
C LEU B 46 -3.72 6.57 -6.33
N TRP B 47 -3.38 5.58 -7.16
CA TRP B 47 -4.34 4.66 -7.73
C TRP B 47 -4.77 3.59 -6.72
N ILE B 48 -6.03 3.66 -6.30
CA ILE B 48 -6.64 2.65 -5.44
C ILE B 48 -7.69 1.89 -6.24
N ALA B 49 -7.68 0.56 -6.11
CA ALA B 49 -8.64 -0.26 -6.81
C ALA B 49 -9.29 -1.18 -5.83
N LEU B 50 -10.55 -1.49 -6.08
CA LEU B 50 -11.25 -2.53 -5.37
C LEU B 50 -11.60 -3.58 -6.40
N ASN B 51 -11.44 -4.84 -6.03
CA ASN B 51 -11.79 -5.96 -6.87
C ASN B 51 -12.66 -6.91 -6.04
N VAL B 52 -13.87 -7.23 -6.49
CA VAL B 52 -14.75 -8.00 -5.61
C VAL B 52 -14.41 -9.48 -5.58
N GLU B 53 -14.43 -10.00 -4.39
CA GLU B 53 -14.26 -11.39 -4.18
C GLU B 53 -15.20 -11.73 -3.07
N GLU B 54 -16.40 -12.10 -3.50
CA GLU B 54 -17.56 -12.17 -2.65
C GLU B 54 -17.39 -13.21 -1.55
N ASP B 55 -16.79 -14.34 -1.84
CA ASP B 55 -16.92 -15.48 -0.95
C ASP B 55 -15.64 -16.13 -0.51
N ILE B 56 -14.70 -15.33 -0.04
CA ILE B 56 -13.54 -15.87 0.58
C ILE B 56 -13.65 -15.68 2.07
N PRO B 57 -12.84 -16.39 2.82
CA PRO B 57 -12.81 -16.21 4.27
C PRO B 57 -11.93 -15.06 4.73
N ARG B 58 -12.46 -14.25 5.64
CA ARG B 58 -11.81 -13.01 6.05
C ARG B 58 -11.73 -12.90 7.58
N ASN B 59 -11.30 -13.98 8.21
CA ASN B 59 -11.18 -14.04 9.67
C ASN B 59 -9.79 -13.66 10.15
N GLU B 60 -8.78 -14.41 9.69
CA GLU B 60 -7.41 -14.27 10.18
C GLU B 60 -6.78 -12.89 9.99
N ILE B 61 -7.30 -12.10 9.04
CA ILE B 61 -6.76 -10.78 8.73
C ILE B 61 -6.77 -9.87 9.96
N LYS B 62 -7.78 -10.06 10.81
CA LYS B 62 -7.97 -9.29 12.03
C LYS B 62 -6.81 -9.52 12.99
N GLN B 63 -6.13 -10.66 12.87
CA GLN B 63 -4.97 -10.96 13.70
C GLN B 63 -3.62 -10.41 13.21
N SER B 64 -3.62 -9.74 12.06
CA SER B 64 -2.37 -9.27 11.46
C SER B 64 -2.19 -7.76 11.60
N TYR B 65 -0.99 -7.32 11.95
CA TYR B 65 -0.75 -5.88 12.10
C TYR B 65 -0.48 -5.13 10.82
N THR B 66 -0.39 -5.82 9.68
N THR B 66 -0.41 -5.84 9.68
CA THR B 66 -0.12 -5.09 8.44
CA THR B 66 -0.23 -5.21 8.38
C THR B 66 -1.25 -4.10 8.17
C THR B 66 -1.28 -4.10 8.18
N HIS B 67 -0.84 -2.89 7.82
CA HIS B 67 -1.77 -1.79 7.67
C HIS B 67 -1.17 -0.72 6.78
N MET B 68 -2.01 0.20 6.37
CA MET B 68 -1.55 1.28 5.53
C MET B 68 -1.83 2.57 6.26
N ALA B 69 -0.90 3.51 6.23
CA ALA B 69 -1.05 4.78 6.93
C ALA B 69 -1.01 5.99 6.02
N PHE B 70 -1.87 6.96 6.34
CA PHE B 70 -1.98 8.19 5.60
C PHE B 70 -1.69 9.34 6.54
N THR B 71 -1.10 10.40 6.01
CA THR B 71 -0.74 11.55 6.81
C THR B 71 -1.89 12.54 6.94
N VAL B 72 -2.10 13.02 8.16
CA VAL B 72 -3.12 14.00 8.46
C VAL B 72 -2.53 14.95 9.50
N THR B 73 -3.17 16.11 9.70
CA THR B 73 -2.75 17.03 10.77
C THR B 73 -3.50 16.68 12.06
N ASN B 74 -3.07 17.24 13.16
CA ASN B 74 -3.66 16.89 14.44
C ASN B 74 -5.13 17.25 14.57
N GLU B 75 -5.51 18.44 14.11
CA GLU B 75 -6.92 18.85 14.04
C GLU B 75 -7.71 17.91 13.13
N ALA B 76 -7.09 17.51 12.02
CA ALA B 76 -7.71 16.56 11.10
C ALA B 76 -7.92 15.22 11.78
N LEU B 77 -6.92 14.79 12.55
CA LEU B 77 -7.07 13.54 13.31
C LEU B 77 -8.29 13.59 14.24
N ASP B 78 -8.49 14.70 14.95
CA ASP B 78 -9.68 14.90 15.77
C ASP B 78 -10.95 14.85 14.93
N HIS B 79 -10.99 15.60 13.83
CA HIS B 79 -12.12 15.58 12.92
C HIS B 79 -12.41 14.17 12.46
N LEU B 80 -11.36 13.46 12.05
CA LEU B 80 -11.55 12.13 11.50
C LEU B 80 -12.07 11.12 12.52
N LYS B 81 -11.69 11.25 13.79
CA LYS B 81 -12.19 10.30 14.79
C LYS B 81 -13.70 10.39 14.90
N GLU B 82 -14.24 11.59 14.73
CA GLU B 82 -15.68 11.77 14.80
C GLU B 82 -16.33 11.23 13.52
N VAL B 83 -15.71 11.50 12.37
CA VAL B 83 -16.17 10.92 11.11
C VAL B 83 -16.31 9.39 11.20
N LEU B 84 -15.29 8.73 11.69
CA LEU B 84 -15.33 7.29 11.83
C LEU B 84 -16.43 6.83 12.77
N ILE B 85 -16.53 7.44 13.93
CA ILE B 85 -17.52 7.01 14.92
C ILE B 85 -18.91 7.19 14.36
N GLN B 86 -19.14 8.31 13.70
CA GLN B 86 -20.45 8.63 13.14
C GLN B 86 -20.84 7.62 12.07
N ASN B 87 -19.88 7.23 11.25
CA ASN B 87 -20.15 6.29 10.16
C ASN B 87 -19.97 4.83 10.58
N ASP B 88 -19.82 4.59 11.86
CA ASP B 88 -19.80 3.25 12.43
C ASP B 88 -18.60 2.45 12.00
N VAL B 89 -17.46 3.12 11.95
CA VAL B 89 -16.23 2.51 11.51
C VAL B 89 -15.66 1.68 12.65
N ASN B 90 -15.23 0.48 12.31
CA ASN B 90 -14.55 -0.38 13.26
C ASN B 90 -13.26 0.33 13.62
N ILE B 91 -13.22 0.95 14.79
CA ILE B 91 -12.02 1.61 15.28
C ILE B 91 -11.31 0.63 16.17
N LEU B 92 -10.00 0.55 16.03
CA LEU B 92 -9.19 -0.27 16.91
C LEU B 92 -8.57 0.68 17.94
N PRO B 93 -8.30 0.17 19.16
CA PRO B 93 -7.73 0.96 20.26
C PRO B 93 -6.26 1.35 20.09
N GLY B 94 -5.57 0.69 19.15
CA GLY B 94 -4.20 1.02 18.82
C GLY B 94 -3.22 0.55 19.88
N ARG B 95 -1.95 0.50 19.51
CA ARG B 95 -0.90 0.16 20.46
C ARG B 95 -0.64 1.31 21.43
N GLU B 96 0.14 1.03 22.47
CA GLU B 96 0.58 2.06 23.41
C GLU B 96 1.58 3.01 22.75
N ARG B 97 1.30 4.29 22.83
CA ARG B 97 2.11 5.29 22.18
C ARG B 97 2.93 6.11 23.16
N ASP B 98 4.20 6.31 22.86
CA ASP B 98 5.00 7.30 23.50
C ASP B 98 4.45 8.55 22.87
N GLU B 99 4.54 9.69 23.55
CA GLU B 99 4.09 10.93 22.96
C GLU B 99 4.95 11.21 21.73
N ARG B 100 6.15 10.68 21.75
CA ARG B 100 7.08 10.86 20.68
C ARG B 100 6.71 10.06 19.39
N ASP B 101 5.80 9.11 19.52
CA ASP B 101 5.29 8.37 18.37
C ASP B 101 4.49 9.26 17.43
N GLN B 102 3.88 10.29 17.98
CA GLN B 102 2.97 11.19 17.32
C GLN B 102 1.61 10.50 17.32
N ARG B 103 0.55 11.26 17.21
CA ARG B 103 -0.77 10.68 17.39
C ARG B 103 -1.22 9.82 16.20
N SER B 104 -1.94 8.73 16.48
CA SER B 104 -2.52 7.91 15.42
C SER B 104 -3.89 7.34 15.77
N LEU B 105 -4.63 7.00 14.73
CA LEU B 105 -5.93 6.36 14.86
C LEU B 105 -5.86 5.18 13.91
N TYR B 106 -6.28 4.02 14.39
CA TYR B 106 -6.28 2.80 13.60
C TYR B 106 -7.72 2.33 13.45
N PHE B 107 -8.02 1.66 12.35
CA PHE B 107 -9.38 1.26 12.06
C PHE B 107 -9.38 0.29 10.89
N THR B 108 -10.54 -0.25 10.54
CA THR B 108 -10.60 -1.17 9.41
C THR B 108 -11.72 -0.83 8.42
N ASP B 109 -11.50 -1.22 7.17
CA ASP B 109 -12.57 -1.23 6.18
C ASP B 109 -13.51 -2.43 6.50
N PRO B 110 -14.62 -2.58 5.76
CA PRO B 110 -15.56 -3.62 6.17
C PRO B 110 -15.09 -5.05 5.96
N ASP B 111 -14.01 -5.24 5.20
CA ASP B 111 -13.48 -6.58 4.98
C ASP B 111 -12.20 -6.81 5.74
N GLY B 112 -11.85 -5.86 6.61
CA GLY B 112 -10.80 -6.11 7.58
C GLY B 112 -9.43 -5.58 7.24
N HIS B 113 -9.32 -4.78 6.19
CA HIS B 113 -8.05 -4.12 5.86
C HIS B 113 -7.86 -3.02 6.86
N LYS B 114 -6.68 -3.00 7.49
CA LYS B 114 -6.37 -2.02 8.52
C LYS B 114 -5.79 -0.77 7.90
N PHE B 115 -6.24 0.37 8.42
CA PHE B 115 -5.73 1.64 7.99
C PHE B 115 -5.34 2.47 9.19
N GLU B 116 -4.53 3.48 8.95
CA GLU B 116 -4.09 4.36 10.01
C GLU B 116 -4.02 5.81 9.52
N PHE B 117 -4.53 6.75 10.32
CA PHE B 117 -4.26 8.17 10.08
C PHE B 117 -3.14 8.54 11.04
N HIS B 118 -2.02 9.00 10.50
CA HIS B 118 -0.84 9.28 11.31
C HIS B 118 -0.44 10.76 11.24
N THR B 119 0.08 11.29 12.34
CA THR B 119 0.45 12.70 12.41
C THR B 119 1.94 12.90 12.50
N GLY B 120 2.71 11.84 12.34
CA GLY B 120 4.15 11.95 12.31
C GLY B 120 4.74 11.57 10.96
N THR B 121 6.07 11.69 10.83
CA THR B 121 6.74 11.32 9.58
C THR B 121 7.83 10.32 9.91
N LEU B 122 8.38 9.68 8.89
CA LEU B 122 9.56 8.82 9.05
C LEU B 122 10.69 9.63 9.69
N GLN B 123 10.85 10.86 9.22
CA GLN B 123 11.80 11.82 9.79
C GLN B 123 11.60 11.97 11.29
N ASN B 124 10.38 12.30 11.69
CA ASN B 124 10.03 12.41 13.12
C ASN B 124 10.44 11.18 13.90
N ARG B 125 10.16 10.01 13.34
CA ARG B 125 10.36 8.75 14.04
C ARG B 125 11.83 8.41 14.18
N LEU B 126 12.56 8.46 13.06
CA LEU B 126 14.00 8.25 13.07
C LEU B 126 14.71 9.25 13.99
N GLU B 127 14.21 10.46 14.05
N GLU B 127 14.22 10.47 14.06
CA GLU B 127 14.80 11.45 14.91
CA GLU B 127 14.74 11.50 14.95
C GLU B 127 14.49 11.12 16.39
C GLU B 127 14.47 11.15 16.40
N TYR B 128 13.27 10.71 16.66
CA TYR B 128 12.86 10.19 17.97
C TYR B 128 13.76 9.03 18.40
N TYR B 129 13.92 8.02 17.56
CA TYR B 129 14.80 6.90 17.89
C TYR B 129 16.28 7.30 18.05
N LYS B 130 16.75 8.25 17.24
CA LYS B 130 18.12 8.77 17.36
C LYS B 130 18.31 9.59 18.64
N GLU B 131 17.30 10.39 18.99
CA GLU B 131 17.33 11.19 20.22
C GLU B 131 17.33 10.29 21.45
N ASP B 132 16.98 9.02 21.24
CA ASP B 132 17.08 8.04 22.30
C ASP B 132 18.48 7.47 22.40
N LYS B 133 19.08 7.16 21.26
CA LYS B 133 20.46 6.69 21.20
C LYS B 133 21.40 7.79 21.73
N LYS B 134 21.11 9.05 21.44
CA LYS B 134 21.88 10.16 21.98
C LYS B 134 21.85 10.18 23.51
N HIS B 135 20.68 9.93 24.08
CA HIS B 135 20.48 9.98 25.52
C HIS B 135 21.33 8.92 26.23
N MET B 136 21.56 7.77 25.56
CA MET B 136 22.40 6.69 26.09
C MET B 136 23.86 6.77 25.61
N THR B 137 24.27 7.95 25.18
CA THR B 137 25.63 8.20 24.75
C THR B 137 26.19 9.31 25.62
N PHE B 138 27.42 9.11 26.13
CA PHE B 138 28.00 10.05 27.12
C PHE B 138 29.39 10.60 26.80
N TYR B 139 30.06 10.02 25.81
CA TYR B 139 31.39 10.47 25.47
C TYR B 139 31.50 10.68 23.96
N ILE B 140 32.20 11.70 23.53
CA ILE B 140 32.39 11.91 22.10
C ILE B 140 33.84 11.78 21.65
N ALA B 141 34.23 10.74 20.94
CA ALA B 141 35.63 10.76 20.58
C ALA B 141 35.79 11.98 19.70
N GLY B 142 36.72 12.84 20.08
CA GLY B 142 36.91 14.11 19.38
C GLY B 142 37.13 15.37 20.19
N GLU B 143 36.39 15.53 21.28
CA GLU B 143 36.37 16.76 22.03
C GLU B 143 37.63 16.98 22.84
N ASN B 144 37.86 18.21 23.26
CA ASN B 144 39.04 18.53 24.01
C ASN B 144 38.71 18.14 25.45
N LEU B 145 39.17 16.97 25.87
CA LEU B 145 38.98 16.52 27.21
C LEU B 145 39.99 17.25 28.03
N TYR B 146 39.71 17.30 29.31
CA TYR B 146 40.37 18.18 30.25
C TYR B 146 41.03 17.42 31.39
N PHE B 147 42.22 16.86 31.11
CA PHE B 147 43.12 16.04 31.96
C PHE B 147 43.28 14.66 31.28
N GLN B 148 43.09 14.62 29.96
CA GLN B 148 43.23 13.38 29.20
C GLN B 148 42.30 12.32 29.77
ZN ZN C . -2.64 -4.83 -9.51
C1 FCN D . -5.96 -4.99 -10.08
C2 FCN D . -6.12 -3.47 -9.91
C3 FCN D . -5.45 -2.57 -10.93
O FCN D . -5.14 -4.22 -9.19
P FCN D . -4.93 -5.79 -11.37
O1P FCN D . -5.45 -7.17 -11.49
O2P FCN D . -4.93 -5.02 -12.76
O3P FCN D . -3.44 -5.91 -10.81
C1 PGE E . -0.45 -6.36 -0.06
O1 PGE E . 0.97 -6.33 -0.02
C2 PGE E . -1.04 -5.56 1.10
O2 PGE E . -0.38 -4.31 1.30
C3 PGE E . -1.21 -3.40 2.00
C4 PGE E . -0.66 -2.97 3.34
O4 PGE E . -5.01 -1.66 4.65
C6 PGE E . -4.05 -2.70 4.75
C5 PGE E . -2.93 -2.53 3.75
O3 PGE E . -1.71 -2.95 4.29
ZN ZN F . 1.54 2.52 11.19
C1 FCN G . 4.26 0.88 12.73
C2 FCN G . 5.33 1.39 11.75
C3 FCN G . 5.58 2.88 11.72
O FCN G . 4.00 1.09 11.33
P FCN G . 3.33 2.01 13.87
O1P FCN G . 2.86 1.14 14.98
O2P FCN G . 4.19 3.25 14.41
O3P FCN G . 2.04 2.57 13.14
#